data_3VYX
#
_entry.id   3VYX
#
_cell.length_a   63.198
_cell.length_b   63.198
_cell.length_c   107.617
_cell.angle_alpha   90.00
_cell.angle_beta   90.00
_cell.angle_gamma   90.00
#
_symmetry.space_group_name_H-M   'P 43 21 2'
#
loop_
_entity.id
_entity.type
_entity.pdbx_description
1 polymer 'ATP-dependent RNA helicase A'
2 polymer "RNA (5'-R(P*GP*CP*GP*CP*GP*CP*GP*CP*GP*C)-3')"
3 water water
#
loop_
_entity_poly.entity_id
_entity_poly.type
_entity_poly.pdbx_seq_one_letter_code
_entity_poly.pdbx_strand_id
1 'polypeptide(L)'
;MKEEQEVQATLESEEVDLNAGLHGNWTLENAKARLNQYFQKEKIQGEYKYTQVGPDHNRSFIAEMTIYIKQLGRRIFARE
HGSNKKLAAQSCALSLVRQLYHLGVVEAYSGLTK
;
A
2 'polyribonucleotide' GCGCGCGCGC B,C
#
# COMPACT_ATOMS: atom_id res chain seq x y z
N ASN A 19 15.16 8.21 -3.27
CA ASN A 19 13.99 8.16 -2.30
C ASN A 19 13.27 6.82 -2.24
N ALA A 20 12.77 6.36 -3.38
CA ALA A 20 12.40 4.94 -3.52
C ALA A 20 13.60 4.03 -3.24
N GLY A 21 14.82 4.51 -3.55
CA GLY A 21 16.09 3.84 -3.19
C GLY A 21 16.29 3.48 -1.71
N LEU A 22 15.79 4.34 -0.83
CA LEU A 22 15.74 4.06 0.61
C LEU A 22 14.77 2.93 0.98
N HIS A 23 13.75 2.73 0.14
CA HIS A 23 12.63 1.85 0.49
C HIS A 23 12.46 0.63 -0.43
N GLY A 24 13.58 0.08 -0.88
CA GLY A 24 13.62 -1.17 -1.61
C GLY A 24 13.15 -1.03 -3.04
N ASN A 25 13.16 0.21 -3.55
CA ASN A 25 12.72 0.53 -4.91
C ASN A 25 11.24 0.22 -5.15
N TRP A 26 10.47 0.21 -4.06
CA TRP A 26 9.02 0.20 -4.14
C TRP A 26 8.50 1.62 -4.42
N THR A 27 7.59 1.73 -5.38
CA THR A 27 7.11 3.01 -5.87
C THR A 27 5.62 2.86 -6.12
N LEU A 28 4.97 3.95 -6.47
CA LEU A 28 3.53 3.96 -6.79
C LEU A 28 3.12 3.00 -7.95
N GLU A 29 4.02 2.78 -8.91
CA GLU A 29 3.75 2.01 -10.11
C GLU A 29 3.94 0.51 -9.95
N ASN A 30 4.59 0.07 -8.86
CA ASN A 30 4.85 -1.39 -8.63
C ASN A 30 4.34 -1.91 -7.30
N ALA A 31 3.77 -1.04 -6.49
CA ALA A 31 3.39 -1.41 -5.15
C ALA A 31 2.11 -2.29 -5.06
N LYS A 32 1.05 -1.89 -5.78
CA LYS A 32 -0.22 -2.65 -5.78
C LYS A 32 -0.03 -4.11 -6.21
N ALA A 33 0.72 -4.34 -7.27
CA ALA A 33 1.01 -5.68 -7.75
C ALA A 33 1.63 -6.52 -6.65
N ARG A 34 2.58 -5.94 -5.95
CA ARG A 34 3.33 -6.67 -4.96
C ARG A 34 2.52 -6.93 -3.72
N LEU A 35 1.67 -5.97 -3.37
CA LEU A 35 0.70 -6.16 -2.30
C LEU A 35 -0.28 -7.31 -2.65
N ASN A 36 -0.82 -7.33 -3.86
CA ASN A 36 -1.83 -8.35 -4.21
C ASN A 36 -1.23 -9.80 -4.22
N GLN A 37 0.04 -9.87 -4.61
CA GLN A 37 0.83 -11.08 -4.59
C GLN A 37 1.04 -11.58 -3.15
N TYR A 38 1.34 -10.67 -2.22
CA TYR A 38 1.37 -10.99 -0.78
C TYR A 38 0.02 -11.51 -0.31
N PHE A 39 -1.07 -10.81 -0.64
CA PHE A 39 -2.44 -11.27 -0.35
C PHE A 39 -2.70 -12.70 -0.86
N GLN A 40 -2.30 -12.95 -2.10
CA GLN A 40 -2.50 -14.27 -2.72
C GLN A 40 -1.67 -15.35 -2.01
N LYS A 41 -0.40 -15.09 -1.79
CA LYS A 41 0.47 -16.05 -1.11
C LYS A 41 -0.02 -16.33 0.31
N GLU A 42 -0.56 -15.32 0.98
CA GLU A 42 -1.04 -15.45 2.36
C GLU A 42 -2.50 -15.85 2.43
N LYS A 43 -3.13 -15.99 1.26
CA LYS A 43 -4.54 -16.34 1.16
C LYS A 43 -5.45 -15.39 1.94
N ILE A 44 -4.95 -14.18 2.20
CA ILE A 44 -5.77 -13.09 2.73
C ILE A 44 -6.28 -12.16 1.63
N GLN A 45 -7.22 -11.31 2.01
CA GLN A 45 -7.77 -10.27 1.18
C GLN A 45 -7.86 -9.01 2.05
N GLY A 46 -7.23 -7.93 1.57
CA GLY A 46 -7.36 -6.60 2.17
C GLY A 46 -8.33 -5.76 1.35
N GLU A 47 -9.00 -4.83 2.00
CA GLU A 47 -9.94 -3.94 1.30
C GLU A 47 -9.53 -2.51 1.55
N TYR A 48 -9.57 -1.70 0.51
CA TYR A 48 -9.33 -0.29 0.70
C TYR A 48 -10.58 0.32 1.28
N LYS A 49 -10.40 1.14 2.31
CA LYS A 49 -11.49 1.92 2.86
C LYS A 49 -11.25 3.39 2.52
N TYR A 50 -12.20 4.00 1.79
CA TYR A 50 -12.05 5.34 1.26
C TYR A 50 -12.85 6.31 2.10
N THR A 51 -12.32 7.53 2.24
CA THR A 51 -12.99 8.64 2.90
C THR A 51 -12.89 9.82 1.91
N GLN A 52 -14.03 10.44 1.69
CA GLN A 52 -14.15 11.63 0.86
C GLN A 52 -13.52 12.82 1.53
N VAL A 53 -12.76 13.59 0.76
CA VAL A 53 -12.21 14.82 1.27
C VAL A 53 -12.64 15.98 0.36
N GLY A 54 -12.87 17.18 0.91
CA GLY A 54 -13.23 18.36 0.09
C GLY A 54 -14.70 18.27 -0.31
N PRO A 55 -15.28 19.34 -0.92
CA PRO A 55 -16.69 19.21 -1.31
C PRO A 55 -16.76 18.45 -2.63
N ASP A 56 -18.00 18.22 -3.10
CA ASP A 56 -18.24 17.34 -4.25
C ASP A 56 -17.58 17.88 -5.50
N HIS A 57 -17.54 19.21 -5.63
CA HIS A 57 -16.87 19.82 -6.80
C HIS A 57 -15.35 19.91 -6.68
N ASN A 58 -14.80 19.47 -5.55
CA ASN A 58 -13.36 19.47 -5.33
C ASN A 58 -12.94 18.27 -4.47
N ARG A 59 -13.35 17.08 -4.92
CA ARG A 59 -13.21 15.87 -4.17
C ARG A 59 -11.86 15.24 -4.37
N SER A 60 -11.31 14.77 -3.26
CA SER A 60 -10.12 13.94 -3.28
C SER A 60 -10.36 12.86 -2.23
N PHE A 61 -9.40 12.02 -1.95
CA PHE A 61 -9.70 10.78 -1.20
C PHE A 61 -8.65 10.42 -0.20
N ILE A 62 -9.09 9.88 0.93
CA ILE A 62 -8.25 9.14 1.81
C ILE A 62 -8.51 7.66 1.51
N ALA A 63 -7.43 6.89 1.30
CA ALA A 63 -7.51 5.44 1.33
C ALA A 63 -6.77 4.94 2.55
N GLU A 64 -7.36 3.97 3.24
CA GLU A 64 -6.67 3.33 4.35
C GLU A 64 -6.91 1.82 4.31
N MET A 65 -5.98 1.05 4.89
CA MET A 65 -6.08 -0.38 4.93
C MET A 65 -5.30 -0.90 6.11
N THR A 66 -5.88 -1.89 6.79
CA THR A 66 -5.22 -2.61 7.89
C THR A 66 -5.09 -4.08 7.54
N ILE A 67 -3.88 -4.63 7.70
CA ILE A 67 -3.67 -6.04 7.40
C ILE A 67 -2.88 -6.70 8.53
N TYR A 68 -3.30 -7.93 8.86
CA TYR A 68 -2.56 -8.74 9.82
C TYR A 68 -1.42 -9.44 9.10
N ILE A 69 -0.21 -9.34 9.64
CA ILE A 69 0.96 -10.02 9.05
C ILE A 69 1.38 -11.22 9.90
N LYS A 70 1.01 -12.41 9.38
CA LYS A 70 1.40 -13.71 9.93
C LYS A 70 2.86 -13.77 10.40
N GLN A 71 3.80 -13.40 9.52
CA GLN A 71 5.25 -13.36 9.84
C GLN A 71 5.63 -12.60 11.12
N LEU A 72 4.86 -11.57 11.47
CA LEU A 72 5.21 -10.67 12.56
C LEU A 72 4.26 -10.80 13.76
N GLY A 73 3.15 -11.50 13.56
CA GLY A 73 2.12 -11.65 14.59
C GLY A 73 1.46 -10.33 14.95
N ARG A 74 1.49 -9.36 14.04
CA ARG A 74 0.83 -8.09 14.30
C ARG A 74 0.27 -7.45 13.04
N ARG A 75 -0.74 -6.61 13.23
CA ARG A 75 -1.30 -5.97 12.08
C ARG A 75 -0.58 -4.64 11.77
N ILE A 76 -0.52 -4.30 10.49
CA ILE A 76 -0.01 -2.99 10.06
C ILE A 76 -1.11 -2.17 9.38
N PHE A 77 -0.85 -0.87 9.23
CA PHE A 77 -1.86 0.10 8.81
C PHE A 77 -1.22 1.15 7.91
N ALA A 78 -2.03 1.66 6.96
CA ALA A 78 -1.68 2.78 6.09
C ALA A 78 -2.87 3.67 5.84
N ARG A 79 -2.58 4.96 5.72
CA ARG A 79 -3.57 5.99 5.51
C ARG A 79 -2.91 7.07 4.65
N GLU A 80 -3.43 7.23 3.44
CA GLU A 80 -2.79 8.08 2.44
C GLU A 80 -3.86 8.86 1.73
N HIS A 81 -3.49 10.03 1.27
CA HIS A 81 -4.34 10.90 0.47
C HIS A 81 -4.01 10.78 -1.03
N GLY A 82 -4.99 10.87 -1.88
CA GLY A 82 -4.65 11.14 -3.28
C GLY A 82 -5.72 12.02 -3.89
N SER A 83 -5.37 12.70 -4.99
CA SER A 83 -6.34 13.55 -5.66
C SER A 83 -7.51 12.79 -6.33
N ASN A 84 -7.35 11.49 -6.52
CA ASN A 84 -8.42 10.67 -7.02
C ASN A 84 -8.31 9.33 -6.31
N LYS A 85 -9.33 8.48 -6.43
CA LYS A 85 -9.37 7.19 -5.72
C LYS A 85 -8.16 6.27 -6.04
N LYS A 86 -7.79 6.23 -7.32
CA LYS A 86 -6.72 5.39 -7.83
C LYS A 86 -5.40 5.74 -7.17
N LEU A 87 -5.05 7.03 -7.17
CA LEU A 87 -3.86 7.51 -6.51
C LEU A 87 -3.87 7.25 -5.04
N ALA A 88 -5.00 7.49 -4.37
CA ALA A 88 -5.12 7.26 -2.92
C ALA A 88 -4.86 5.77 -2.67
N ALA A 89 -5.45 4.88 -3.46
CA ALA A 89 -5.21 3.45 -3.27
C ALA A 89 -3.75 3.07 -3.58
N GLN A 90 -3.17 3.59 -4.67
CA GLN A 90 -1.74 3.29 -4.94
C GLN A 90 -0.83 3.70 -3.80
N SER A 91 -1.04 4.91 -3.22
CA SER A 91 -0.21 5.39 -2.12
C SER A 91 -0.37 4.55 -0.88
N CYS A 92 -1.61 4.17 -0.59
CA CYS A 92 -1.90 3.28 0.52
C CYS A 92 -1.10 1.94 0.40
N ALA A 93 -1.16 1.28 -0.77
CA ALA A 93 -0.42 0.05 -1.05
C ALA A 93 1.08 0.33 -0.98
N LEU A 94 1.52 1.47 -1.48
CA LEU A 94 2.93 1.82 -1.38
C LEU A 94 3.42 1.85 0.10
N SER A 95 2.65 2.48 0.99
CA SER A 95 3.06 2.58 2.37
C SER A 95 3.11 1.20 2.99
N LEU A 96 2.09 0.41 2.71
CA LEU A 96 2.00 -0.96 3.20
C LEU A 96 3.16 -1.78 2.73
N VAL A 97 3.45 -1.70 1.43
CA VAL A 97 4.54 -2.47 0.86
C VAL A 97 5.92 -2.05 1.38
N ARG A 98 6.14 -0.74 1.51
CA ARG A 98 7.38 -0.21 2.07
C ARG A 98 7.57 -0.62 3.56
N GLN A 99 6.48 -0.63 4.33
CA GLN A 99 6.52 -1.15 5.69
C GLN A 99 6.96 -2.61 5.70
N LEU A 100 6.33 -3.44 4.86
CA LEU A 100 6.70 -4.85 4.76
C LEU A 100 8.15 -5.02 4.36
N TYR A 101 8.66 -4.15 3.48
CA TYR A 101 10.06 -4.18 3.11
C TYR A 101 10.97 -3.97 4.32
N HIS A 102 10.73 -2.90 5.08
CA HIS A 102 11.60 -2.52 6.16
C HIS A 102 11.51 -3.50 7.33
N LEU A 103 10.42 -4.26 7.40
CA LEU A 103 10.23 -5.24 8.46
C LEU A 103 10.74 -6.58 8.00
N GLY A 104 11.25 -6.62 6.78
CA GLY A 104 11.87 -7.84 6.28
C GLY A 104 10.89 -8.89 5.82
N VAL A 105 9.62 -8.53 5.61
CA VAL A 105 8.60 -9.47 5.16
C VAL A 105 8.67 -9.64 3.66
N VAL A 106 9.18 -8.62 3.00
CA VAL A 106 9.08 -8.48 1.56
C VAL A 106 10.45 -8.03 1.10
N GLU A 107 10.91 -8.60 -0.01
CA GLU A 107 12.21 -8.27 -0.59
C GLU A 107 12.22 -6.91 -1.28
N ALA A 108 13.42 -6.38 -1.54
CA ALA A 108 13.57 -5.19 -2.38
C ALA A 108 13.03 -5.51 -3.79
N TYR A 109 12.47 -4.51 -4.46
CA TYR A 109 11.96 -4.73 -5.80
C TYR A 109 13.07 -5.14 -6.79
N SER A 110 12.82 -6.23 -7.51
CA SER A 110 13.83 -6.87 -8.39
C SER A 110 13.60 -6.62 -9.86
N GLY A 111 12.42 -6.14 -10.23
CA GLY A 111 12.09 -5.89 -11.64
C GLY A 111 12.88 -4.73 -12.21
N LEU A 112 12.41 -4.20 -13.34
CA LEU A 112 13.10 -3.11 -14.05
C LEU A 112 12.52 -1.71 -13.75
N THR A 113 13.35 -0.67 -13.90
CA THR A 113 12.92 0.74 -13.74
C THR A 113 13.58 1.63 -14.81
#